data_2YB5
#
_entry.id   2YB5
#
_cell.length_a   34.150
_cell.length_b   109.610
_cell.length_c   61.150
_cell.angle_alpha   90.00
_cell.angle_beta   101.72
_cell.angle_gamma   90.00
#
_symmetry.space_group_name_H-M   'P 1 21 1'
#
loop_
_entity.id
_entity.type
_entity.pdbx_description
1 polymer 'PUTATIVE FUSIDIC ACID RESISTANCE PROTEIN'
2 non-polymer 'ZINC ION'
3 non-polymer 1,2-ETHANEDIOL
4 water water
#
_entity_poly.entity_id   1
_entity_poly.type   'polypeptide(L)'
_entity_poly.pdbx_seq_one_letter_code
;GTHMNKIEVYKFVKVKQLVYQLIKLYRTNDMNSHKTQKDFLLNEINDIFKEKDIDISDFITSIDDVKLTKKKAEHLLNEL
KVYIQDFEIPSSSQLEKIFRKVKKLKRPDINLIDTKEISYLGWNDNSSNRKYIVYKNLDDKFEGIYGEISPNKVKGFCKI
CNQESDTSLFLNKTKHNKSSGTYTKKGDYICYDSFKCNQNLDDINNLYEFIVKIK
;
_entity_poly.pdbx_strand_id   A,F
#
loop_
_chem_comp.id
_chem_comp.type
_chem_comp.name
_chem_comp.formula
EDO non-polymer 1,2-ETHANEDIOL 'C2 H6 O2'
ZN non-polymer 'ZINC ION' 'Zn 2'
#
# COMPACT_ATOMS: atom_id res chain seq x y z
N MET A 4 -6.25 -26.40 0.48
CA MET A 4 -5.73 -27.41 -0.49
C MET A 4 -6.39 -27.21 -1.86
N ASN A 5 -7.72 -27.29 -1.89
CA ASN A 5 -8.51 -26.91 -3.07
C ASN A 5 -9.37 -25.70 -2.72
N LYS A 6 -8.84 -24.81 -1.89
CA LYS A 6 -9.52 -23.56 -1.53
C LYS A 6 -8.52 -22.43 -1.28
N ILE A 7 -9.04 -21.20 -1.24
CA ILE A 7 -8.18 -20.00 -1.21
C ILE A 7 -8.37 -19.21 0.08
N GLU A 8 -7.41 -18.37 0.38
CA GLU A 8 -7.48 -17.51 1.56
C GLU A 8 -8.50 -16.40 1.36
N VAL A 9 -9.06 -15.92 2.46
CA VAL A 9 -10.02 -14.81 2.45
C VAL A 9 -9.45 -13.57 1.74
N TYR A 10 -8.18 -13.24 2.02
CA TYR A 10 -7.55 -12.09 1.36
C TYR A 10 -7.41 -12.26 -0.17
N LYS A 11 -7.22 -13.50 -0.65
CA LYS A 11 -7.20 -13.76 -2.10
C LYS A 11 -8.57 -13.56 -2.72
N PHE A 12 -9.63 -13.88 -1.98
CA PHE A 12 -10.98 -13.63 -2.45
C PHE A 12 -11.26 -12.14 -2.58
N VAL A 13 -10.72 -11.35 -1.65
CA VAL A 13 -10.87 -9.90 -1.70
C VAL A 13 -10.19 -9.37 -2.95
N LYS A 14 -9.01 -9.91 -3.26
CA LYS A 14 -8.30 -9.54 -4.47
C LYS A 14 -9.10 -9.94 -5.74
N VAL A 15 -9.58 -11.18 -5.80
CA VAL A 15 -10.41 -11.63 -6.94
C VAL A 15 -11.56 -10.64 -7.19
N LYS A 16 -12.22 -10.24 -6.10
CA LYS A 16 -13.34 -9.30 -6.15
C LYS A 16 -12.90 -7.94 -6.68
N GLN A 17 -11.80 -7.42 -6.13
CA GLN A 17 -11.20 -6.18 -6.63
C GLN A 17 -10.88 -6.25 -8.13
N LEU A 18 -10.44 -7.41 -8.60
CA LEU A 18 -10.11 -7.58 -10.03
C LEU A 18 -11.37 -7.60 -10.89
N VAL A 19 -12.42 -8.23 -10.40
CA VAL A 19 -13.70 -8.28 -11.12
C VAL A 19 -14.29 -6.88 -11.29
N TYR A 20 -14.26 -6.05 -10.25
CA TYR A 20 -14.72 -4.66 -10.36
C TYR A 20 -13.85 -3.85 -11.31
N GLN A 21 -12.55 -4.16 -11.36
CA GLN A 21 -11.66 -3.48 -12.28
C GLN A 21 -12.07 -3.80 -13.72
N LEU A 22 -12.45 -5.06 -13.97
CA LEU A 22 -12.99 -5.48 -15.27
C LEU A 22 -14.22 -4.67 -15.66
N ILE A 23 -15.07 -4.40 -14.67
CA ILE A 23 -16.26 -3.58 -14.89
C ILE A 23 -15.91 -2.13 -15.25
N LYS A 24 -14.84 -1.59 -14.67
CA LYS A 24 -14.35 -0.27 -15.05
C LYS A 24 -13.95 -0.26 -16.53
N LEU A 25 -13.17 -1.25 -16.94
CA LEU A 25 -12.81 -1.41 -18.35
C LEU A 25 -14.05 -1.52 -19.25
N TYR A 26 -15.00 -2.37 -18.87
CA TYR A 26 -16.23 -2.52 -19.64
C TYR A 26 -17.03 -1.21 -19.69
N ARG A 27 -16.93 -0.40 -18.63
CA ARG A 27 -17.59 0.92 -18.61
C ARG A 27 -17.05 1.85 -19.69
N THR A 28 -15.76 1.73 -20.01
CA THR A 28 -15.19 2.42 -21.16
C THR A 28 -15.64 1.63 -22.39
N ASN A 29 -16.43 2.25 -23.25
CA ASN A 29 -17.06 1.54 -24.35
C ASN A 29 -16.08 1.38 -25.51
N ASP A 30 -14.95 0.73 -25.23
CA ASP A 30 -13.86 0.63 -26.19
C ASP A 30 -12.90 -0.50 -25.82
N MET A 31 -13.42 -1.73 -25.78
CA MET A 31 -12.63 -2.90 -25.38
C MET A 31 -11.49 -3.22 -26.35
N ASN A 32 -11.57 -2.70 -27.57
CA ASN A 32 -10.47 -2.81 -28.50
C ASN A 32 -9.17 -2.25 -27.95
N SER A 33 -9.24 -1.06 -27.36
CA SER A 33 -8.07 -0.42 -26.73
C SER A 33 -7.68 -1.07 -25.40
N HIS A 34 -8.63 -1.72 -24.74
CA HIS A 34 -8.43 -2.29 -23.42
C HIS A 34 -8.36 -3.82 -23.42
N LYS A 35 -8.07 -4.43 -24.58
CA LYS A 35 -8.04 -5.90 -24.67
C LYS A 35 -6.91 -6.49 -23.81
N THR A 36 -5.73 -5.88 -23.89
CA THR A 36 -4.57 -6.35 -23.14
C THR A 36 -4.82 -6.28 -21.63
N GLN A 37 -5.47 -5.21 -21.18
CA GLN A 37 -5.89 -5.06 -19.81
C GLN A 37 -6.89 -6.14 -19.43
N LYS A 38 -7.84 -6.41 -20.33
CA LYS A 38 -8.86 -7.42 -20.05
C LYS A 38 -8.22 -8.78 -19.85
N ASP A 39 -7.34 -9.17 -20.76
CA ASP A 39 -6.69 -10.47 -20.63
C ASP A 39 -5.83 -10.49 -19.36
N PHE A 40 -5.24 -9.35 -19.02
CA PHE A 40 -4.46 -9.25 -17.79
C PHE A 40 -5.32 -9.58 -16.56
N LEU A 41 -6.42 -8.85 -16.41
CA LEU A 41 -7.35 -9.03 -15.29
C LEU A 41 -7.81 -10.48 -15.22
N LEU A 42 -8.25 -11.03 -16.35
CA LEU A 42 -8.76 -12.39 -16.38
C LEU A 42 -7.69 -13.39 -15.91
N ASN A 43 -6.46 -13.23 -16.40
CA ASN A 43 -5.36 -14.11 -16.00
C ASN A 43 -4.94 -13.98 -14.53
N GLU A 44 -5.06 -12.79 -13.96
CA GLU A 44 -4.80 -12.60 -12.52
C GLU A 44 -5.80 -13.38 -11.67
N ILE A 45 -7.07 -13.32 -12.05
CA ILE A 45 -8.11 -14.06 -11.33
C ILE A 45 -7.85 -15.56 -11.39
N ASN A 46 -7.55 -16.05 -12.60
CA ASN A 46 -7.30 -17.47 -12.85
C ASN A 46 -6.09 -18.00 -12.09
N ASP A 47 -5.01 -17.23 -12.09
CA ASP A 47 -3.80 -17.63 -11.38
C ASP A 47 -4.05 -17.84 -9.89
N ILE A 48 -4.88 -16.98 -9.28
CA ILE A 48 -5.26 -17.13 -7.87
C ILE A 48 -5.84 -18.52 -7.59
N PHE A 49 -6.54 -19.09 -8.58
CA PHE A 49 -7.09 -20.44 -8.46
C PHE A 49 -6.16 -21.53 -8.99
N LYS A 50 -5.33 -21.21 -10.00
CA LYS A 50 -4.37 -22.20 -10.52
C LYS A 50 -3.39 -22.65 -9.43
N GLU A 51 -2.86 -21.68 -8.68
CA GLU A 51 -2.00 -21.96 -7.53
C GLU A 51 -2.54 -23.08 -6.63
N LYS A 52 -3.86 -23.15 -6.47
CA LYS A 52 -4.51 -24.13 -5.59
C LYS A 52 -5.28 -25.23 -6.33
N ASP A 53 -5.00 -25.40 -7.62
CA ASP A 53 -5.58 -26.48 -8.44
C ASP A 53 -7.12 -26.49 -8.48
N ILE A 54 -7.75 -25.32 -8.44
CA ILE A 54 -9.21 -25.22 -8.53
C ILE A 54 -9.59 -24.87 -9.96
N ASP A 55 -10.59 -25.56 -10.49
CA ASP A 55 -11.05 -25.30 -11.85
C ASP A 55 -11.96 -24.08 -11.82
N ILE A 56 -11.44 -22.99 -12.40
CA ILE A 56 -12.18 -21.74 -12.53
C ILE A 56 -12.41 -21.39 -14.00
N SER A 57 -12.01 -22.28 -14.91
CA SER A 57 -12.29 -22.13 -16.34
C SER A 57 -13.77 -22.44 -16.53
N ASP A 58 -14.58 -21.40 -16.41
CA ASP A 58 -16.01 -21.51 -16.15
C ASP A 58 -16.49 -20.15 -15.67
N PHE A 59 -16.02 -19.76 -14.48
CA PHE A 59 -16.26 -18.43 -13.94
C PHE A 59 -15.55 -17.43 -14.86
N ILE A 60 -14.35 -17.79 -15.29
CA ILE A 60 -13.59 -16.98 -16.24
C ILE A 60 -14.41 -16.73 -17.50
N THR A 61 -14.97 -17.80 -18.07
CA THR A 61 -15.82 -17.68 -19.26
C THR A 61 -17.03 -16.80 -18.97
N SER A 62 -17.68 -17.06 -17.83
CA SER A 62 -18.84 -16.28 -17.42
C SER A 62 -18.57 -14.77 -17.30
N ILE A 63 -17.45 -14.39 -16.69
CA ILE A 63 -17.12 -12.96 -16.49
C ILE A 63 -16.52 -12.26 -17.74
N ASP A 64 -16.02 -13.04 -18.69
CA ASP A 64 -15.51 -12.50 -19.94
C ASP A 64 -16.67 -12.07 -20.85
N ASP A 65 -17.38 -11.03 -20.43
CA ASP A 65 -18.62 -10.61 -21.06
C ASP A 65 -18.83 -9.12 -20.82
N VAL A 66 -18.63 -8.31 -21.85
CA VAL A 66 -18.76 -6.84 -21.76
C VAL A 66 -20.10 -6.35 -21.20
N LYS A 67 -21.11 -7.22 -21.19
CA LYS A 67 -22.43 -6.89 -20.64
C LYS A 67 -22.58 -7.38 -19.21
N LEU A 68 -21.45 -7.63 -18.54
CA LEU A 68 -21.46 -7.98 -17.13
C LEU A 68 -21.72 -6.72 -16.31
N THR A 69 -22.38 -6.89 -15.17
CA THR A 69 -22.66 -5.78 -14.26
C THR A 69 -22.55 -6.27 -12.82
N LYS A 70 -22.80 -5.38 -11.85
CA LYS A 70 -22.63 -5.71 -10.44
C LYS A 70 -23.40 -6.97 -10.07
N LYS A 71 -24.72 -6.93 -10.25
CA LYS A 71 -25.61 -8.02 -9.83
C LYS A 71 -25.12 -9.39 -10.31
N LYS A 72 -24.90 -9.52 -11.61
CA LYS A 72 -24.43 -10.77 -12.20
C LYS A 72 -23.07 -11.19 -11.63
N ALA A 73 -22.18 -10.22 -11.45
CA ALA A 73 -20.87 -10.48 -10.85
C ALA A 73 -20.98 -11.01 -9.43
N GLU A 74 -21.83 -10.36 -8.63
CA GLU A 74 -21.99 -10.69 -7.21
C GLU A 74 -22.51 -12.10 -6.98
N HIS A 75 -23.46 -12.53 -7.80
CA HIS A 75 -23.98 -13.90 -7.74
C HIS A 75 -22.87 -14.91 -7.99
N LEU A 76 -22.14 -14.72 -9.09
CA LEU A 76 -21.04 -15.60 -9.45
C LEU A 76 -19.95 -15.60 -8.37
N LEU A 77 -19.64 -14.41 -7.85
CA LEU A 77 -18.68 -14.28 -6.74
C LEU A 77 -19.18 -15.01 -5.49
N ASN A 78 -20.45 -14.82 -5.15
CA ASN A 78 -21.07 -15.55 -4.02
C ASN A 78 -21.02 -17.06 -4.20
N GLU A 79 -21.11 -17.50 -5.45
CA GLU A 79 -20.94 -18.93 -5.77
C GLU A 79 -19.51 -19.39 -5.53
N LEU A 80 -18.55 -18.46 -5.65
CA LEU A 80 -17.15 -18.73 -5.33
C LEU A 80 -16.90 -18.85 -3.82
N LYS A 81 -17.73 -18.19 -3.00
CA LYS A 81 -17.51 -18.17 -1.54
C LYS A 81 -17.32 -19.57 -0.96
N VAL A 82 -17.84 -20.56 -1.67
CA VAL A 82 -17.72 -21.97 -1.27
C VAL A 82 -16.27 -22.44 -1.27
N TYR A 83 -15.43 -21.83 -2.11
CA TYR A 83 -14.01 -22.20 -2.19
C TYR A 83 -13.12 -21.45 -1.19
N ILE A 84 -13.70 -20.63 -0.31
CA ILE A 84 -12.93 -19.84 0.66
C ILE A 84 -12.58 -20.67 1.90
N GLN A 85 -11.27 -20.74 2.20
CA GLN A 85 -10.78 -21.34 3.45
C GLN A 85 -11.14 -20.46 4.65
N ASP A 86 -12.04 -20.95 5.50
CA ASP A 86 -12.48 -20.19 6.68
C ASP A 86 -11.33 -19.89 7.64
N PHE A 87 -11.46 -18.75 8.30
CA PHE A 87 -10.56 -18.37 9.38
C PHE A 87 -10.87 -19.26 10.58
N GLU A 88 -9.84 -19.92 11.11
CA GLU A 88 -9.97 -20.70 12.35
C GLU A 88 -9.73 -19.79 13.54
N ILE A 89 -10.70 -19.75 14.44
CA ILE A 89 -10.62 -18.91 15.61
C ILE A 89 -10.10 -19.79 16.75
N PRO A 90 -9.05 -19.35 17.44
CA PRO A 90 -8.48 -20.15 18.52
C PRO A 90 -9.52 -20.55 19.59
N SER A 91 -9.28 -21.67 20.25
CA SER A 91 -10.07 -22.05 21.43
C SER A 91 -9.86 -21.05 22.56
N SER A 92 -10.63 -21.18 23.65
CA SER A 92 -10.48 -20.27 24.81
C SER A 92 -9.08 -20.38 25.44
N SER A 93 -8.60 -21.60 25.62
CA SER A 93 -7.26 -21.79 26.18
C SER A 93 -6.18 -21.30 25.20
N GLN A 94 -6.33 -21.52 23.91
CA GLN A 94 -5.34 -20.99 22.96
C GLN A 94 -5.25 -19.46 23.01
N LEU A 95 -6.40 -18.81 23.04
CA LEU A 95 -6.50 -17.35 23.17
C LEU A 95 -5.86 -16.86 24.47
N GLU A 96 -6.19 -17.51 25.58
CA GLU A 96 -5.60 -17.17 26.86
C GLU A 96 -4.07 -17.34 26.84
N LYS A 97 -3.57 -18.34 26.12
CA LYS A 97 -2.12 -18.56 25.99
C LYS A 97 -1.44 -17.49 25.16
N ILE A 98 -2.05 -17.13 24.04
CA ILE A 98 -1.54 -16.06 23.19
C ILE A 98 -1.42 -14.76 24.00
N PHE A 99 -2.43 -14.46 24.80
CA PHE A 99 -2.43 -13.26 25.65
C PHE A 99 -2.24 -13.62 27.14
N ARG A 100 -1.27 -14.51 27.40
CA ARG A 100 -0.97 -15.08 28.72
C ARG A 100 -0.82 -14.04 29.84
N LYS A 101 -0.23 -12.89 29.53
CA LYS A 101 0.01 -11.86 30.54
C LYS A 101 -1.22 -11.03 30.88
N VAL A 102 -2.29 -11.15 30.09
CA VAL A 102 -3.52 -10.39 30.32
C VAL A 102 -4.40 -11.17 31.28
N LYS A 103 -4.61 -10.62 32.47
CA LYS A 103 -5.39 -11.30 33.50
C LYS A 103 -6.89 -11.28 33.19
N LYS A 104 -7.35 -10.19 32.59
CA LYS A 104 -8.78 -10.00 32.31
C LYS A 104 -8.95 -9.84 30.80
N LEU A 105 -9.22 -10.94 30.11
CA LEU A 105 -9.26 -10.94 28.63
C LEU A 105 -10.69 -10.94 28.10
N LYS A 106 -11.12 -9.81 27.55
CA LYS A 106 -12.38 -9.77 26.84
C LYS A 106 -12.28 -10.63 25.59
N ARG A 107 -13.19 -11.59 25.48
CA ARG A 107 -13.26 -12.47 24.32
C ARG A 107 -14.11 -11.82 23.22
N PRO A 108 -13.82 -12.12 21.95
CA PRO A 108 -14.65 -11.62 20.87
C PRO A 108 -16.00 -12.35 20.82
N ASP A 109 -17.00 -11.68 20.27
CA ASP A 109 -18.35 -12.23 20.13
C ASP A 109 -18.41 -13.00 18.82
N ILE A 110 -18.46 -14.32 18.92
CA ILE A 110 -18.50 -15.19 17.75
C ILE A 110 -19.71 -14.97 16.83
N ASN A 111 -20.78 -14.41 17.38
CA ASN A 111 -21.99 -14.11 16.61
C ASN A 111 -21.77 -12.95 15.65
N LEU A 112 -20.82 -12.09 15.99
CA LEU A 112 -20.48 -10.96 15.11
C LEU A 112 -19.45 -11.33 14.04
N ILE A 113 -19.11 -12.63 13.92
CA ILE A 113 -18.02 -13.03 13.03
C ILE A 113 -18.44 -14.02 11.94
N ASP A 114 -18.29 -13.59 10.69
CA ASP A 114 -18.36 -14.46 9.52
C ASP A 114 -16.94 -14.88 9.16
N THR A 115 -16.66 -16.17 9.22
CA THR A 115 -15.27 -16.65 9.12
C THR A 115 -14.72 -16.69 7.69
N LYS A 116 -15.59 -16.49 6.70
CA LYS A 116 -15.14 -16.36 5.31
C LYS A 116 -14.88 -14.88 4.94
N GLU A 117 -14.93 -13.99 5.93
CA GLU A 117 -14.78 -12.56 5.70
C GLU A 117 -13.62 -11.94 6.46
N ILE A 118 -12.85 -12.75 7.17
CA ILE A 118 -11.70 -12.22 7.89
C ILE A 118 -10.42 -12.97 7.61
N SER A 119 -9.36 -12.19 7.38
CA SER A 119 -8.00 -12.69 7.30
C SER A 119 -7.35 -12.57 8.67
N TYR A 120 -7.82 -11.62 9.47
CA TYR A 120 -7.39 -11.54 10.85
C TYR A 120 -8.55 -11.16 11.76
N LEU A 121 -8.47 -11.58 13.01
CA LEU A 121 -9.53 -11.31 13.98
C LEU A 121 -9.15 -10.13 14.86
N GLY A 122 -9.86 -9.01 14.67
CA GLY A 122 -9.59 -7.81 15.41
C GLY A 122 -10.82 -7.38 16.18
N TRP A 123 -10.67 -7.21 17.48
CA TRP A 123 -11.80 -6.80 18.32
C TRP A 123 -11.39 -5.87 19.43
N ASN A 124 -12.32 -5.02 19.83
CA ASN A 124 -12.03 -3.95 20.76
C ASN A 124 -12.55 -4.27 22.15
N ASP A 125 -11.76 -3.90 23.16
CA ASP A 125 -12.22 -3.85 24.53
C ASP A 125 -12.25 -2.37 24.94
N ASN A 126 -13.41 -1.74 24.74
CA ASN A 126 -13.62 -0.33 25.06
C ASN A 126 -13.39 0.05 26.53
N SER A 127 -13.50 -0.91 27.44
CA SER A 127 -13.30 -0.62 28.87
C SER A 127 -11.83 -0.34 29.23
N SER A 128 -10.90 -0.80 28.39
CA SER A 128 -9.47 -0.53 28.55
C SER A 128 -8.88 0.16 27.32
N ASN A 129 -9.78 0.62 26.43
CA ASN A 129 -9.39 1.27 25.19
C ASN A 129 -8.34 0.47 24.43
N ARG A 130 -8.63 -0.80 24.23
CA ARG A 130 -7.68 -1.74 23.67
C ARG A 130 -8.25 -2.36 22.39
N LYS A 131 -7.37 -2.74 21.47
CA LYS A 131 -7.72 -3.65 20.38
C LYS A 131 -6.79 -4.84 20.46
N TYR A 132 -7.37 -6.02 20.26
CA TYR A 132 -6.66 -7.27 20.15
C TYR A 132 -6.71 -7.72 18.70
N ILE A 133 -5.60 -8.28 18.20
CA ILE A 133 -5.52 -8.77 16.83
C ILE A 133 -4.92 -10.17 16.84
N VAL A 134 -5.63 -11.14 16.30
CA VAL A 134 -5.16 -12.53 16.20
C VAL A 134 -5.15 -12.94 14.73
N TYR A 135 -4.12 -13.69 14.35
CA TYR A 135 -3.89 -14.15 12.99
C TYR A 135 -2.99 -15.39 12.97
N LYS A 136 -2.92 -16.01 11.80
CA LYS A 136 -1.98 -17.11 11.54
C LYS A 136 -0.73 -16.55 10.88
N ASN A 137 0.44 -16.99 11.33
CA ASN A 137 1.70 -16.55 10.71
C ASN A 137 2.09 -17.42 9.51
N LEU A 138 3.24 -17.10 8.91
CA LEU A 138 3.77 -17.86 7.76
C LEU A 138 3.91 -19.36 8.00
N ASP A 139 4.05 -19.78 9.26
CA ASP A 139 4.12 -21.20 9.63
C ASP A 139 2.75 -21.80 9.99
N ASP A 140 1.67 -21.11 9.60
CA ASP A 140 0.30 -21.54 9.90
C ASP A 140 0.05 -21.73 11.41
N LYS A 141 0.63 -20.88 12.25
CA LYS A 141 0.30 -20.90 13.67
C LYS A 141 -0.15 -19.54 14.19
N PHE A 142 -0.89 -19.58 15.29
CA PHE A 142 -1.53 -18.40 15.82
C PHE A 142 -0.52 -17.48 16.45
N GLU A 143 -0.61 -16.20 16.11
CA GLU A 143 0.07 -15.14 16.82
C GLU A 143 -0.98 -14.10 17.20
N GLY A 144 -0.61 -13.22 18.11
CA GLY A 144 -1.50 -12.17 18.56
C GLY A 144 -0.72 -10.98 19.09
N ILE A 145 -1.35 -9.82 19.00
CA ILE A 145 -0.79 -8.58 19.50
C ILE A 145 -1.97 -7.79 20.04
N TYR A 146 -1.71 -6.86 20.97
CA TYR A 146 -2.74 -5.90 21.38
C TYR A 146 -2.12 -4.55 21.67
N GLY A 147 -2.95 -3.51 21.73
CA GLY A 147 -2.48 -2.17 22.02
C GLY A 147 -3.62 -1.22 22.30
N GLU A 148 -3.24 -0.01 22.70
CA GLU A 148 -4.19 1.06 22.95
C GLU A 148 -4.68 1.68 21.66
N ILE A 149 -5.99 1.89 21.56
CA ILE A 149 -6.55 2.58 20.42
C ILE A 149 -7.60 3.59 20.91
N SER A 150 -7.39 4.87 20.64
CA SER A 150 -8.34 5.89 21.07
C SER A 150 -9.65 5.77 20.29
N PRO A 151 -10.80 5.93 20.98
CA PRO A 151 -12.09 5.82 20.31
C PRO A 151 -12.45 7.07 19.52
N ASN A 152 -11.63 8.10 19.65
CA ASN A 152 -11.78 9.31 18.85
C ASN A 152 -11.11 9.08 17.49
N LYS A 153 -11.94 8.91 16.45
CA LYS A 153 -11.46 8.46 15.14
C LYS A 153 -11.17 9.64 14.23
N VAL A 154 -10.22 9.46 13.31
CA VAL A 154 -9.92 10.47 12.29
C VAL A 154 -9.79 9.79 10.93
N LYS A 155 -10.32 10.44 9.89
CA LYS A 155 -10.32 9.86 8.55
C LYS A 155 -8.91 9.86 8.00
N GLY A 156 -8.50 8.74 7.40
CA GLY A 156 -7.17 8.62 6.82
C GLY A 156 -6.93 7.25 6.22
N PHE A 157 -5.67 6.97 5.87
CA PHE A 157 -5.30 5.70 5.28
C PHE A 157 -4.96 4.74 6.39
N CYS A 158 -5.66 3.61 6.44
CA CYS A 158 -5.33 2.54 7.38
C CYS A 158 -4.00 1.93 6.96
N LYS A 159 -3.05 1.80 7.88
CA LYS A 159 -1.77 1.22 7.49
C LYS A 159 -1.74 -0.31 7.43
N ILE A 160 -2.89 -0.98 7.58
CA ILE A 160 -2.98 -2.40 7.30
C ILE A 160 -3.52 -2.66 5.89
N CYS A 161 -4.70 -2.16 5.59
CA CYS A 161 -5.35 -2.42 4.32
C CYS A 161 -5.03 -1.34 3.28
N ASN A 162 -4.38 -0.26 3.72
CA ASN A 162 -3.97 0.86 2.88
C ASN A 162 -5.10 1.69 2.27
N GLN A 163 -6.35 1.46 2.67
CA GLN A 163 -7.46 2.27 2.16
C GLN A 163 -7.85 3.38 3.14
N GLU A 164 -8.70 4.30 2.68
CA GLU A 164 -9.19 5.39 3.52
C GLU A 164 -10.34 4.86 4.36
N SER A 165 -10.31 5.14 5.65
CA SER A 165 -11.36 4.68 6.57
C SER A 165 -11.41 5.53 7.84
N ASP A 166 -12.33 5.20 8.74
CA ASP A 166 -12.34 5.80 10.07
C ASP A 166 -11.25 5.11 10.86
N THR A 167 -10.17 5.83 11.13
CA THR A 167 -8.97 5.26 11.71
C THR A 167 -8.69 5.80 13.12
N SER A 168 -7.88 5.07 13.86
CA SER A 168 -7.35 5.57 15.13
C SER A 168 -5.94 5.03 15.30
N LEU A 169 -5.20 5.69 16.18
CA LEU A 169 -3.82 5.34 16.41
C LEU A 169 -3.76 4.11 17.29
N PHE A 170 -3.17 3.04 16.76
CA PHE A 170 -2.96 1.80 17.50
C PHE A 170 -1.53 1.81 18.02
N LEU A 171 -1.38 1.84 19.34
CA LEU A 171 -0.07 1.85 19.98
C LEU A 171 0.22 0.52 20.65
N ASN A 172 1.29 -0.12 20.20
CA ASN A 172 1.80 -1.33 20.81
C ASN A 172 2.78 -0.91 21.90
N LYS A 173 2.96 -1.74 22.92
CA LYS A 173 3.87 -1.43 24.03
C LYS A 173 5.34 -1.47 23.56
N THR A 174 5.76 -2.62 23.02
CA THR A 174 7.10 -2.80 22.46
C THR A 174 8.21 -2.67 23.51
N TYR A 183 6.38 4.53 28.20
CA TYR A 183 7.22 3.60 27.44
C TYR A 183 7.54 4.15 26.04
N THR A 184 8.33 3.38 25.30
CA THR A 184 8.60 3.67 23.90
C THR A 184 7.51 2.97 23.10
N LYS A 185 6.56 3.76 22.58
CA LYS A 185 5.38 3.21 21.91
C LYS A 185 5.58 3.17 20.40
N LYS A 186 5.27 2.03 19.79
CA LYS A 186 5.29 1.91 18.34
C LYS A 186 3.89 1.60 17.83
N GLY A 187 3.54 2.22 16.71
CA GLY A 187 2.21 2.05 16.19
C GLY A 187 1.94 2.83 14.95
N ASP A 188 0.69 2.78 14.53
CA ASP A 188 0.23 3.58 13.42
C ASP A 188 -1.29 3.64 13.38
N TYR A 189 -1.80 4.46 12.48
CA TYR A 189 -3.24 4.58 12.28
C TYR A 189 -3.79 3.40 11.48
N ILE A 190 -4.82 2.77 12.03
CA ILE A 190 -5.50 1.65 11.40
C ILE A 190 -7.02 1.79 11.54
N CYS A 191 -7.74 0.97 10.78
CA CYS A 191 -9.20 0.94 10.82
C CYS A 191 -9.64 0.69 12.26
N TYR A 192 -10.50 1.55 12.78
CA TYR A 192 -11.07 1.32 14.10
C TYR A 192 -11.84 -0.01 14.13
N ASP A 193 -12.60 -0.24 13.06
CA ASP A 193 -13.39 -1.45 12.89
C ASP A 193 -12.62 -2.45 11.99
N SER A 194 -12.06 -3.48 12.63
CA SER A 194 -11.25 -4.47 11.94
C SER A 194 -12.05 -5.29 10.94
N PHE A 195 -13.37 -5.38 11.14
CA PHE A 195 -14.22 -6.11 10.20
C PHE A 195 -14.34 -5.38 8.87
N LYS A 196 -14.46 -4.05 8.93
CA LYS A 196 -14.40 -3.24 7.71
C LYS A 196 -13.02 -3.36 7.05
N CYS A 197 -11.96 -3.24 7.84
CA CYS A 197 -10.58 -3.48 7.40
C CYS A 197 -10.42 -4.79 6.62
N ASN A 198 -10.97 -5.87 7.17
CA ASN A 198 -10.87 -7.19 6.56
C ASN A 198 -11.61 -7.33 5.22
N GLN A 199 -12.62 -6.48 5.00
CA GLN A 199 -13.29 -6.36 3.70
C GLN A 199 -12.38 -5.68 2.66
N ASN A 200 -11.45 -4.85 3.13
CA ASN A 200 -10.52 -4.14 2.26
C ASN A 200 -9.19 -4.87 2.06
N LEU A 201 -8.82 -5.76 2.98
CA LEU A 201 -7.47 -6.30 3.02
C LEU A 201 -7.25 -7.36 1.93
N ASP A 202 -6.42 -7.03 0.94
CA ASP A 202 -6.21 -7.98 -0.17
C ASP A 202 -4.87 -8.73 -0.12
N ASP A 203 -4.05 -8.49 0.91
CA ASP A 203 -2.75 -9.16 1.04
C ASP A 203 -2.34 -9.30 2.52
N ILE A 204 -2.33 -10.52 3.03
CA ILE A 204 -1.95 -10.78 4.44
C ILE A 204 -0.54 -10.25 4.75
N ASN A 205 0.30 -10.14 3.72
CA ASN A 205 1.61 -9.52 3.86
C ASN A 205 1.54 -8.13 4.45
N ASN A 206 0.49 -7.37 4.12
CA ASN A 206 0.31 -6.02 4.65
C ASN A 206 0.20 -6.04 6.18
N LEU A 207 -0.47 -7.06 6.72
CA LEU A 207 -0.58 -7.22 8.16
C LEU A 207 0.75 -7.66 8.78
N TYR A 208 1.44 -8.58 8.11
CA TYR A 208 2.75 -9.03 8.59
C TYR A 208 3.75 -7.87 8.66
N GLU A 209 3.70 -6.97 7.68
CA GLU A 209 4.63 -5.85 7.61
C GLU A 209 4.30 -4.78 8.65
N PHE A 210 3.01 -4.56 8.90
CA PHE A 210 2.58 -3.71 9.99
C PHE A 210 3.08 -4.28 11.32
N ILE A 211 2.89 -5.58 11.54
CA ILE A 211 3.27 -6.20 12.81
C ILE A 211 4.77 -6.05 13.05
N VAL A 212 5.57 -6.42 12.04
CA VAL A 212 7.03 -6.34 12.08
C VAL A 212 7.55 -4.96 12.47
N LYS A 213 6.91 -3.91 11.97
CA LYS A 213 7.38 -2.55 12.19
C LYS A 213 7.02 -1.99 13.56
N ILE A 214 6.04 -2.59 14.22
CA ILE A 214 5.64 -2.10 15.55
C ILE A 214 5.92 -3.07 16.70
N LYS A 215 6.36 -4.29 16.39
CA LYS A 215 6.45 -5.38 17.39
C LYS A 215 7.69 -5.25 18.28
N GLY B 1 19.58 9.23 -0.71
CA GLY B 1 19.72 8.96 0.77
C GLY B 1 21.08 9.23 1.38
N THR B 2 22.09 8.91 0.60
CA THR B 2 23.51 8.82 1.00
C THR B 2 24.08 9.69 2.18
N HIS B 3 23.91 11.02 2.16
CA HIS B 3 24.69 11.87 3.10
C HIS B 3 24.34 11.69 4.59
N MET B 4 25.39 11.78 5.41
CA MET B 4 25.35 11.46 6.83
C MET B 4 24.34 12.29 7.62
N ASN B 5 24.17 13.56 7.22
CA ASN B 5 23.20 14.45 7.83
C ASN B 5 22.18 14.98 6.80
N LYS B 6 21.72 14.11 5.91
CA LYS B 6 20.56 14.40 5.07
C LYS B 6 19.59 13.24 5.09
N ILE B 7 18.33 13.49 4.71
CA ILE B 7 17.32 12.43 4.62
C ILE B 7 16.93 12.15 3.18
N GLU B 8 16.44 10.93 2.95
CA GLU B 8 15.94 10.53 1.65
C GLU B 8 14.68 11.32 1.31
N VAL B 9 14.43 11.49 0.00
CA VAL B 9 13.20 12.13 -0.47
C VAL B 9 11.97 11.45 0.14
N TYR B 10 11.91 10.11 0.09
CA TYR B 10 10.73 9.41 0.59
C TYR B 10 10.49 9.65 2.08
N LYS B 11 11.56 9.86 2.84
CA LYS B 11 11.44 10.19 4.25
C LYS B 11 10.88 11.59 4.43
N PHE B 12 11.22 12.52 3.54
CA PHE B 12 10.64 13.86 3.62
C PHE B 12 9.14 13.81 3.35
N VAL B 13 8.74 13.00 2.38
CA VAL B 13 7.33 12.81 2.05
C VAL B 13 6.57 12.26 3.26
N LYS B 14 7.20 11.31 3.96
CA LYS B 14 6.63 10.76 5.17
C LYS B 14 6.51 11.87 6.23
N VAL B 15 7.55 12.70 6.38
CA VAL B 15 7.48 13.88 7.26
C VAL B 15 6.30 14.79 6.90
N LYS B 16 6.16 15.12 5.62
CA LYS B 16 4.99 15.84 5.15
C LYS B 16 3.66 15.18 5.55
N GLN B 17 3.57 13.87 5.41
CA GLN B 17 2.33 13.17 5.76
C GLN B 17 2.06 13.27 7.26
N LEU B 18 3.11 13.18 8.05
CA LEU B 18 2.93 13.20 9.51
C LEU B 18 2.49 14.60 9.96
N VAL B 19 3.01 15.64 9.31
CA VAL B 19 2.62 17.02 9.58
C VAL B 19 1.15 17.30 9.20
N TYR B 20 0.69 16.74 8.09
CA TYR B 20 -0.70 16.91 7.68
C TYR B 20 -1.66 16.18 8.63
N GLN B 21 -1.22 15.02 9.13
CA GLN B 21 -2.00 14.25 10.10
C GLN B 21 -2.13 15.01 11.42
N LEU B 22 -1.04 15.69 11.78
CA LEU B 22 -1.00 16.55 12.96
C LEU B 22 -2.03 17.68 12.78
N ILE B 23 -1.99 18.33 11.63
CA ILE B 23 -2.97 19.34 11.25
C ILE B 23 -4.40 18.78 11.38
N LYS B 24 -4.63 17.55 10.91
CA LYS B 24 -5.92 16.88 11.10
C LYS B 24 -6.37 16.86 12.57
N LEU B 25 -5.46 16.51 13.47
CA LEU B 25 -5.77 16.50 14.91
C LEU B 25 -6.22 17.90 15.34
N TYR B 26 -5.41 18.90 15.03
CA TYR B 26 -5.71 20.29 15.41
C TYR B 26 -7.08 20.76 14.88
N ARG B 27 -7.38 20.44 13.62
CA ARG B 27 -8.65 20.82 13.00
C ARG B 27 -9.87 20.28 13.74
N THR B 28 -9.72 19.16 14.45
CA THR B 28 -10.82 18.58 15.23
C THR B 28 -11.37 19.55 16.26
N ASN B 29 -10.51 20.44 16.76
CA ASN B 29 -10.81 21.30 17.91
C ASN B 29 -11.14 20.47 19.15
N ASP B 30 -10.43 19.35 19.30
CA ASP B 30 -10.53 18.45 20.45
C ASP B 30 -9.16 17.80 20.63
N MET B 31 -8.28 18.48 21.39
CA MET B 31 -6.84 18.23 21.35
C MET B 31 -6.20 17.72 22.64
N ASN B 32 -6.82 18.01 23.79
CA ASN B 32 -6.22 17.73 25.10
C ASN B 32 -6.34 16.28 25.57
N SER B 33 -7.24 15.52 24.95
CA SER B 33 -7.26 14.06 25.07
C SER B 33 -6.48 13.43 23.91
N HIS B 34 -6.11 14.27 22.94
CA HIS B 34 -5.33 13.85 21.78
C HIS B 34 -3.85 14.14 22.02
N LYS B 35 -3.46 14.29 23.28
CA LYS B 35 -2.08 14.49 23.65
C LYS B 35 -1.21 13.34 23.17
N THR B 36 -1.68 12.13 23.41
CA THR B 36 -0.92 10.94 23.04
C THR B 36 -0.69 10.85 21.53
N GLN B 37 -1.72 11.15 20.73
CA GLN B 37 -1.61 11.13 19.27
C GLN B 37 -0.63 12.21 18.78
N LYS B 38 -0.76 13.42 19.31
CA LYS B 38 0.14 14.52 18.95
C LYS B 38 1.58 14.15 19.26
N ASP B 39 1.81 13.61 20.46
CA ASP B 39 3.17 13.30 20.90
C ASP B 39 3.79 12.16 20.07
N PHE B 40 2.97 11.18 19.70
CA PHE B 40 3.43 10.13 18.79
C PHE B 40 3.86 10.74 17.46
N LEU B 41 3.01 11.56 16.86
CA LEU B 41 3.31 12.17 15.57
C LEU B 41 4.56 13.04 15.61
N LEU B 42 4.68 13.86 16.63
CA LEU B 42 5.85 14.75 16.78
C LEU B 42 7.14 13.94 16.90
N ASN B 43 7.05 12.85 17.67
CA ASN B 43 8.16 11.94 17.84
C ASN B 43 8.58 11.25 16.54
N GLU B 44 7.60 10.82 15.75
CA GLU B 44 7.87 10.13 14.49
C GLU B 44 8.61 11.05 13.53
N ILE B 45 8.22 12.32 13.52
CA ILE B 45 8.87 13.32 12.69
C ILE B 45 10.30 13.52 13.20
N ASN B 46 10.46 13.63 14.52
CA ASN B 46 11.76 13.86 15.12
C ASN B 46 12.70 12.69 14.85
N ASP B 47 12.19 11.48 15.05
CA ASP B 47 12.98 10.27 14.75
C ASP B 47 13.57 10.26 13.34
N ILE B 48 12.86 10.79 12.36
CA ILE B 48 13.35 10.76 10.98
C ILE B 48 14.61 11.63 10.85
N PHE B 49 14.62 12.79 11.51
CA PHE B 49 15.78 13.67 11.46
C PHE B 49 16.86 13.28 12.46
N LYS B 50 16.44 12.89 13.67
CA LYS B 50 17.37 12.55 14.76
C LYS B 50 18.33 11.41 14.38
N GLU B 51 17.84 10.44 13.61
CA GLU B 51 18.68 9.32 13.19
C GLU B 51 19.81 9.69 12.20
N LYS B 52 19.76 10.91 11.64
CA LYS B 52 20.88 11.47 10.88
C LYS B 52 21.48 12.69 11.63
N ASP B 53 21.31 12.74 12.95
CA ASP B 53 21.80 13.84 13.80
C ASP B 53 21.47 15.23 13.26
N ILE B 54 20.26 15.36 12.70
CA ILE B 54 19.75 16.65 12.29
C ILE B 54 18.90 17.15 13.44
N ASP B 55 19.19 18.36 13.89
CA ASP B 55 18.45 18.98 14.99
C ASP B 55 17.37 19.80 14.32
N ILE B 56 16.12 19.38 14.50
CA ILE B 56 14.96 20.07 13.94
C ILE B 56 14.05 20.52 15.08
N SER B 57 14.63 20.75 16.25
CA SER B 57 13.85 21.21 17.40
C SER B 57 13.13 22.52 17.09
N ASP B 58 13.74 23.37 16.27
CA ASP B 58 13.11 24.58 15.71
C ASP B 58 11.80 24.25 14.99
N PHE B 59 11.85 23.26 14.11
CA PHE B 59 10.66 22.82 13.38
C PHE B 59 9.61 22.22 14.32
N ILE B 60 10.03 21.30 15.18
CA ILE B 60 9.12 20.68 16.16
C ILE B 60 8.34 21.75 16.92
N THR B 61 9.06 22.75 17.41
CA THR B 61 8.44 23.89 18.12
C THR B 61 7.43 24.61 17.23
N SER B 62 7.85 24.96 16.02
CA SER B 62 6.96 25.64 15.09
C SER B 62 5.67 24.86 14.83
N ILE B 63 5.76 23.55 14.60
CA ILE B 63 4.58 22.75 14.28
C ILE B 63 3.75 22.29 15.50
N ASP B 64 4.33 22.33 16.70
CA ASP B 64 3.60 22.01 17.93
C ASP B 64 2.73 23.21 18.38
N ASP B 65 1.73 23.52 17.57
CA ASP B 65 0.96 24.75 17.71
C ASP B 65 -0.40 24.55 17.06
N VAL B 66 -1.44 24.51 17.89
CA VAL B 66 -2.79 24.17 17.45
C VAL B 66 -3.35 25.09 16.35
N LYS B 67 -2.84 26.31 16.26
CA LYS B 67 -3.27 27.25 15.21
C LYS B 67 -2.58 27.02 13.86
N LEU B 68 -1.75 25.97 13.76
CA LEU B 68 -1.02 25.66 12.53
C LEU B 68 -1.96 25.37 11.36
N THR B 69 -1.77 26.10 10.27
CA THR B 69 -2.54 25.95 9.06
C THR B 69 -1.70 25.21 8.03
N LYS B 70 -2.38 24.60 7.06
CA LYS B 70 -1.73 23.88 5.96
C LYS B 70 -0.71 24.75 5.28
N LYS B 71 -1.09 26.02 5.08
CA LYS B 71 -0.24 27.02 4.41
C LYS B 71 0.99 27.37 5.22
N LYS B 72 0.82 27.56 6.53
CA LYS B 72 1.98 27.79 7.41
C LYS B 72 2.91 26.57 7.41
N ALA B 73 2.32 25.37 7.52
CA ALA B 73 3.10 24.13 7.50
C ALA B 73 3.92 24.02 6.21
N GLU B 74 3.30 24.39 5.09
CA GLU B 74 4.00 24.41 3.79
C GLU B 74 5.30 25.23 3.77
N HIS B 75 5.25 26.47 4.22
CA HIS B 75 6.46 27.30 4.25
C HIS B 75 7.49 26.74 5.23
N LEU B 76 7.03 26.24 6.36
CA LEU B 76 7.93 25.56 7.30
C LEU B 76 8.56 24.30 6.66
N LEU B 77 7.77 23.53 5.94
CA LEU B 77 8.30 22.33 5.29
C LEU B 77 9.27 22.65 4.17
N ASN B 78 8.98 23.71 3.41
CA ASN B 78 9.86 24.17 2.34
C ASN B 78 11.26 24.47 2.82
N GLU B 79 11.37 25.10 3.97
CA GLU B 79 12.69 25.42 4.49
C GLU B 79 13.42 24.15 4.90
N LEU B 80 12.70 23.12 5.32
CA LEU B 80 13.34 21.83 5.67
C LEU B 80 13.99 21.13 4.49
N LYS B 81 13.58 21.45 3.27
CA LYS B 81 14.18 20.85 2.07
C LYS B 81 15.72 20.99 2.00
N VAL B 82 16.32 21.89 2.78
CA VAL B 82 17.79 21.94 2.85
C VAL B 82 18.40 20.63 3.38
N TYR B 83 17.60 19.79 4.04
CA TYR B 83 18.10 18.51 4.58
C TYR B 83 17.88 17.30 3.68
N ILE B 84 17.28 17.51 2.51
CA ILE B 84 16.97 16.39 1.64
C ILE B 84 18.15 16.08 0.73
N GLN B 85 18.47 14.79 0.62
CA GLN B 85 19.48 14.33 -0.31
C GLN B 85 18.89 14.29 -1.71
N ASP B 86 19.48 15.07 -2.60
CA ASP B 86 19.06 15.11 -3.99
C ASP B 86 19.10 13.73 -4.66
N PHE B 87 18.03 13.38 -5.36
CA PHE B 87 18.08 12.27 -6.31
C PHE B 87 19.21 12.53 -7.32
N GLU B 88 19.97 11.49 -7.65
CA GLU B 88 21.04 11.57 -8.63
C GLU B 88 20.50 11.12 -9.97
N ILE B 89 20.38 12.05 -10.92
CA ILE B 89 19.91 11.71 -12.25
C ILE B 89 21.00 10.91 -12.99
N PRO B 90 20.64 9.77 -13.59
CA PRO B 90 21.68 9.01 -14.30
C PRO B 90 22.09 9.75 -15.55
N SER B 91 23.39 9.72 -15.85
CA SER B 91 23.93 10.26 -17.10
C SER B 91 23.41 9.51 -18.32
N SER B 92 23.57 10.13 -19.49
CA SER B 92 23.22 9.53 -20.77
C SER B 92 23.85 8.15 -20.90
N SER B 93 25.10 8.07 -20.44
CA SER B 93 25.88 6.84 -20.44
C SER B 93 25.19 5.77 -19.62
N GLN B 94 24.92 6.10 -18.35
CA GLN B 94 24.28 5.17 -17.44
C GLN B 94 22.93 4.65 -17.95
N LEU B 95 22.13 5.52 -18.57
CA LEU B 95 20.82 5.10 -19.09
C LEU B 95 20.99 4.09 -20.20
N GLU B 96 21.93 4.35 -21.11
CA GLU B 96 22.23 3.42 -22.18
C GLU B 96 22.67 2.08 -21.64
N LYS B 97 23.50 2.06 -20.60
CA LYS B 97 23.87 0.80 -19.97
C LYS B 97 22.66 0.07 -19.40
N ILE B 98 21.83 0.81 -18.67
CA ILE B 98 20.64 0.23 -18.02
C ILE B 98 19.66 -0.35 -19.03
N PHE B 99 19.48 0.36 -20.14
CA PHE B 99 18.54 -0.05 -21.17
C PHE B 99 19.26 -0.39 -22.48
N ARG B 100 20.31 -1.19 -22.34
CA ARG B 100 21.15 -1.66 -23.47
C ARG B 100 20.35 -2.22 -24.65
N LYS B 101 19.29 -2.99 -24.36
CA LYS B 101 18.55 -3.70 -25.39
C LYS B 101 17.49 -2.82 -26.10
N VAL B 102 17.26 -1.60 -25.61
CA VAL B 102 16.37 -0.66 -26.28
C VAL B 102 17.11 0.04 -27.40
N LYS B 103 16.65 -0.16 -28.63
CA LYS B 103 17.34 0.38 -29.81
C LYS B 103 17.19 1.89 -29.93
N LYS B 104 16.00 2.40 -29.64
CA LYS B 104 15.77 3.84 -29.60
C LYS B 104 15.20 4.24 -28.24
N LEU B 105 16.07 4.83 -27.42
CA LEU B 105 15.75 5.13 -26.03
C LEU B 105 15.39 6.60 -25.89
N LYS B 106 14.12 6.87 -25.56
CA LYS B 106 13.72 8.23 -25.24
C LYS B 106 14.36 8.65 -23.92
N ARG B 107 15.01 9.81 -23.93
CA ARG B 107 15.61 10.36 -22.73
C ARG B 107 14.52 11.11 -21.96
N PRO B 108 14.71 11.24 -20.64
CA PRO B 108 13.69 11.91 -19.85
C PRO B 108 13.75 13.43 -20.02
N ASP B 109 12.59 14.09 -19.91
CA ASP B 109 12.56 15.54 -19.76
C ASP B 109 12.90 15.86 -18.32
N ILE B 110 14.14 16.27 -18.09
CA ILE B 110 14.58 16.63 -16.75
C ILE B 110 14.64 18.16 -16.55
N ASN B 111 13.99 18.91 -17.45
CA ASN B 111 13.97 20.41 -17.40
C ASN B 111 13.58 20.98 -16.03
N LEU B 112 14.55 21.55 -15.32
CA LEU B 112 14.33 22.08 -13.98
C LEU B 112 13.58 21.09 -13.08
N ILE B 113 13.84 19.82 -13.31
CA ILE B 113 13.21 18.80 -12.52
C ILE B 113 13.77 18.96 -11.08
N ASP B 114 12.86 18.92 -10.10
CA ASP B 114 13.25 19.08 -8.72
C ASP B 114 13.71 17.74 -8.18
N THR B 115 15.03 17.61 -8.03
CA THR B 115 15.65 16.38 -7.57
C THR B 115 15.44 16.08 -6.07
N LYS B 116 14.90 17.03 -5.30
CA LYS B 116 14.48 16.75 -3.93
C LYS B 116 13.03 16.29 -3.84
N GLU B 117 12.42 15.99 -4.99
CA GLU B 117 11.06 15.48 -5.05
C GLU B 117 10.96 14.14 -5.81
N ILE B 118 12.10 13.49 -6.08
CA ILE B 118 12.12 12.24 -6.85
C ILE B 118 12.72 11.11 -6.01
N SER B 119 11.96 10.03 -5.87
CA SER B 119 12.49 8.75 -5.39
C SER B 119 12.80 7.81 -6.58
N TYR B 120 11.99 7.86 -7.63
CA TYR B 120 12.34 7.18 -8.87
C TYR B 120 12.06 8.09 -10.06
N LEU B 121 12.90 7.99 -11.08
CA LEU B 121 12.73 8.77 -12.30
C LEU B 121 11.89 7.93 -13.27
N GLY B 122 10.66 8.39 -13.50
CA GLY B 122 9.70 7.69 -14.32
C GLY B 122 9.30 8.61 -15.45
N TRP B 123 9.34 8.11 -16.68
CA TRP B 123 8.99 8.94 -17.84
C TRP B 123 8.40 8.10 -18.95
N ASN B 124 7.49 8.73 -19.71
CA ASN B 124 6.72 8.04 -20.73
C ASN B 124 7.21 8.40 -22.14
N ASP B 125 7.35 7.38 -22.96
CA ASP B 125 7.52 7.52 -24.39
C ASP B 125 6.15 7.23 -25.00
N ASN B 126 5.36 8.29 -25.21
CA ASN B 126 3.99 8.16 -25.73
C ASN B 126 3.94 7.51 -27.12
N SER B 127 4.94 7.79 -27.94
CA SER B 127 4.98 7.25 -29.31
C SER B 127 5.21 5.74 -29.31
N SER B 128 5.30 5.16 -28.12
CA SER B 128 5.36 3.70 -27.96
C SER B 128 4.51 3.17 -26.77
N ASN B 129 3.77 4.03 -26.09
CA ASN B 129 2.97 3.63 -24.91
C ASN B 129 3.85 2.93 -23.90
N ARG B 130 4.97 3.56 -23.60
CA ARG B 130 5.98 2.97 -22.75
C ARG B 130 6.31 3.92 -21.61
N LYS B 131 6.61 3.35 -20.45
CA LYS B 131 7.12 4.12 -19.31
C LYS B 131 8.40 3.47 -18.87
N TYR B 132 9.43 4.31 -18.67
CA TYR B 132 10.69 3.91 -18.08
C TYR B 132 10.70 4.31 -16.61
N ILE B 133 11.27 3.44 -15.78
CA ILE B 133 11.42 3.71 -14.37
C ILE B 133 12.88 3.44 -13.98
N VAL B 134 13.55 4.44 -13.38
CA VAL B 134 14.92 4.26 -12.89
C VAL B 134 15.01 4.69 -11.43
N TYR B 135 15.77 3.93 -10.64
CA TYR B 135 15.89 4.17 -9.19
C TYR B 135 17.22 3.57 -8.65
N LYS B 136 17.53 3.90 -7.40
CA LYS B 136 18.69 3.34 -6.71
C LYS B 136 18.24 2.11 -5.92
N ASN B 137 18.97 1.01 -6.02
CA ASN B 137 18.59 -0.21 -5.29
C ASN B 137 19.11 -0.17 -3.86
N LEU B 138 19.03 -1.29 -3.14
CA LEU B 138 19.47 -1.33 -1.74
C LEU B 138 20.97 -1.06 -1.61
N ASP B 139 21.75 -1.49 -2.61
CA ASP B 139 23.19 -1.26 -2.65
C ASP B 139 23.56 0.09 -3.27
N ASP B 140 22.61 1.01 -3.36
CA ASP B 140 22.85 2.35 -3.92
C ASP B 140 23.39 2.32 -5.35
N LYS B 141 22.94 1.34 -6.14
CA LYS B 141 23.23 1.30 -7.57
C LYS B 141 21.98 1.46 -8.46
N PHE B 142 22.15 2.07 -9.63
CA PHE B 142 21.02 2.29 -10.54
C PHE B 142 20.44 0.97 -11.03
N GLU B 143 19.12 0.85 -10.96
CA GLU B 143 18.39 -0.22 -11.66
C GLU B 143 17.28 0.40 -12.46
N GLY B 144 16.80 -0.31 -13.48
CA GLY B 144 15.78 0.22 -14.37
C GLY B 144 14.83 -0.86 -14.84
N ILE B 145 13.60 -0.45 -15.11
CA ILE B 145 12.60 -1.32 -15.71
C ILE B 145 11.81 -0.47 -16.72
N TYR B 146 11.24 -1.12 -17.73
CA TYR B 146 10.29 -0.45 -18.60
C TYR B 146 9.18 -1.40 -18.90
N GLY B 147 8.06 -0.85 -19.32
CA GLY B 147 6.91 -1.65 -19.62
C GLY B 147 5.92 -0.86 -20.43
N GLU B 148 4.91 -1.58 -20.89
CA GLU B 148 3.76 -1.01 -21.55
C GLU B 148 2.91 -0.26 -20.52
N ILE B 149 2.56 0.98 -20.83
CA ILE B 149 1.60 1.73 -20.04
C ILE B 149 0.53 2.29 -20.97
N SER B 150 -0.74 1.97 -20.68
CA SER B 150 -1.84 2.37 -21.52
C SER B 150 -2.16 3.85 -21.34
N PRO B 151 -2.47 4.54 -22.45
CA PRO B 151 -2.79 5.96 -22.37
C PRO B 151 -4.14 6.22 -21.70
N ASN B 152 -5.00 5.21 -21.68
CA ASN B 152 -6.30 5.32 -21.03
C ASN B 152 -6.14 5.10 -19.55
N LYS B 153 -6.61 6.07 -18.76
CA LYS B 153 -6.41 6.05 -17.31
C LYS B 153 -7.69 5.69 -16.56
N VAL B 154 -7.53 5.02 -15.43
CA VAL B 154 -8.63 4.68 -14.54
C VAL B 154 -8.31 5.16 -13.13
N LYS B 155 -9.30 5.75 -12.46
CA LYS B 155 -9.14 6.21 -11.08
C LYS B 155 -9.09 4.96 -10.21
N GLY B 156 -8.13 4.91 -9.29
CA GLY B 156 -7.93 3.73 -8.46
C GLY B 156 -6.68 3.86 -7.64
N PHE B 157 -6.30 2.79 -6.93
CA PHE B 157 -5.11 2.83 -6.10
C PHE B 157 -3.87 2.49 -6.93
N CYS B 158 -2.85 3.33 -6.82
CA CYS B 158 -1.55 3.07 -7.43
C CYS B 158 -0.82 2.07 -6.57
N LYS B 159 -0.25 1.05 -7.18
CA LYS B 159 0.40 0.00 -6.41
C LYS B 159 1.83 0.31 -5.98
N ILE B 160 2.38 1.43 -6.44
CA ILE B 160 3.65 1.89 -5.91
C ILE B 160 3.46 2.79 -4.68
N CYS B 161 2.66 3.85 -4.80
CA CYS B 161 2.49 4.76 -3.69
C CYS B 161 1.26 4.48 -2.80
N ASN B 162 0.38 3.58 -3.23
CA ASN B 162 -0.84 3.20 -2.47
C ASN B 162 -1.82 4.34 -2.21
N GLN B 163 -1.75 5.38 -3.03
CA GLN B 163 -2.58 6.56 -2.91
C GLN B 163 -3.58 6.48 -4.05
N GLU B 164 -4.77 7.04 -3.86
CA GLU B 164 -5.76 7.10 -4.94
C GLU B 164 -5.29 8.13 -5.97
N SER B 165 -5.30 7.74 -7.24
CA SER B 165 -4.85 8.64 -8.28
C SER B 165 -5.33 8.21 -9.66
N ASP B 166 -4.94 9.00 -10.66
CA ASP B 166 -5.16 8.62 -12.05
C ASP B 166 -4.10 7.59 -12.42
N THR B 167 -4.50 6.33 -12.43
CA THR B 167 -3.57 5.22 -12.66
C THR B 167 -3.73 4.68 -14.07
N SER B 168 -2.70 3.97 -14.55
CA SER B 168 -2.83 3.12 -15.73
C SER B 168 -2.09 1.79 -15.51
N LEU B 169 -2.44 0.80 -16.33
CA LEU B 169 -1.83 -0.51 -16.23
C LEU B 169 -0.41 -0.50 -16.79
N PHE B 170 0.58 -0.79 -15.94
CA PHE B 170 1.98 -0.99 -16.33
C PHE B 170 2.25 -2.48 -16.42
N LEU B 171 2.71 -2.96 -17.57
CA LEU B 171 2.93 -4.38 -17.79
C LEU B 171 4.35 -4.65 -18.26
N ASN B 172 5.07 -5.46 -17.51
CA ASN B 172 6.44 -5.79 -17.84
C ASN B 172 6.50 -7.13 -18.58
N LYS B 173 7.29 -7.20 -19.65
CA LYS B 173 7.46 -8.45 -20.40
C LYS B 173 8.57 -9.30 -19.78
N THR B 174 8.17 -10.42 -19.18
CA THR B 174 9.10 -11.31 -18.48
C THR B 174 8.83 -12.77 -18.90
N LYS B 175 9.60 -13.70 -18.34
CA LYS B 175 9.45 -15.14 -18.59
C LYS B 175 9.57 -15.43 -20.09
N HIS B 176 10.61 -14.86 -20.71
CA HIS B 176 10.80 -14.98 -22.14
C HIS B 176 11.13 -16.42 -22.52
N ASN B 177 10.57 -16.87 -23.64
CA ASN B 177 10.96 -18.11 -24.26
C ASN B 177 11.72 -17.73 -25.52
N LYS B 178 12.99 -18.12 -25.58
CA LYS B 178 13.93 -17.69 -26.63
C LYS B 178 13.50 -18.14 -28.03
N SER B 179 13.07 -19.39 -28.13
CA SER B 179 12.75 -20.00 -29.42
C SER B 179 11.34 -19.64 -29.90
N SER B 180 10.47 -19.33 -28.93
CA SER B 180 9.01 -19.50 -29.05
C SER B 180 8.18 -18.54 -29.91
N GLY B 181 8.40 -17.23 -29.90
CA GLY B 181 9.23 -16.49 -28.95
C GLY B 181 8.32 -15.67 -28.05
N THR B 182 7.76 -16.34 -27.06
CA THR B 182 6.69 -15.82 -26.22
C THR B 182 7.23 -15.27 -24.90
N TYR B 183 6.32 -14.71 -24.12
CA TYR B 183 6.65 -14.10 -22.84
C TYR B 183 5.36 -13.95 -22.04
N THR B 184 5.51 -13.67 -20.75
CA THR B 184 4.38 -13.40 -19.88
C THR B 184 4.48 -11.96 -19.41
N LYS B 185 3.39 -11.23 -19.55
CA LYS B 185 3.31 -9.87 -19.05
C LYS B 185 2.91 -9.93 -17.57
N LYS B 186 3.66 -9.20 -16.75
CA LYS B 186 3.34 -9.06 -15.32
C LYS B 186 3.32 -7.56 -15.04
N GLY B 187 2.42 -7.13 -14.16
CA GLY B 187 2.33 -5.72 -13.84
C GLY B 187 1.19 -5.39 -12.92
N ASP B 188 0.87 -4.10 -12.86
CA ASP B 188 -0.26 -3.63 -12.07
C ASP B 188 -0.55 -2.18 -12.43
N TYR B 189 -1.60 -1.64 -11.82
CA TYR B 189 -1.99 -0.26 -12.03
C TYR B 189 -1.12 0.69 -11.18
N ILE B 190 -0.50 1.66 -11.85
CA ILE B 190 0.33 2.65 -11.17
C ILE B 190 0.01 4.05 -11.68
N CYS B 191 0.40 5.07 -10.93
CA CYS B 191 0.23 6.44 -11.35
C CYS B 191 0.74 6.62 -12.78
N TYR B 192 -0.05 7.27 -13.63
CA TYR B 192 0.39 7.58 -14.99
C TYR B 192 1.46 8.68 -14.95
N ASP B 193 1.21 9.68 -14.10
CA ASP B 193 2.14 10.78 -13.87
C ASP B 193 3.13 10.40 -12.75
N SER B 194 4.35 10.02 -13.13
CA SER B 194 5.35 9.65 -12.13
C SER B 194 5.74 10.77 -11.18
N PHE B 195 5.58 12.04 -11.55
CA PHE B 195 5.87 13.16 -10.63
C PHE B 195 4.94 13.10 -9.45
N LYS B 196 3.64 12.98 -9.74
CA LYS B 196 2.59 12.85 -8.75
C LYS B 196 2.87 11.68 -7.80
N CYS B 197 3.13 10.51 -8.38
CA CYS B 197 3.46 9.32 -7.59
C CYS B 197 4.63 9.64 -6.62
N ASN B 198 5.68 10.26 -7.15
CA ASN B 198 6.86 10.57 -6.34
C ASN B 198 6.61 11.53 -5.18
N GLN B 199 5.58 12.37 -5.32
CA GLN B 199 5.18 13.31 -4.27
C GLN B 199 4.41 12.63 -3.16
N ASN B 200 3.87 11.46 -3.42
CA ASN B 200 3.11 10.72 -2.42
C ASN B 200 3.77 9.44 -1.92
N LEU B 201 4.95 9.13 -2.48
CA LEU B 201 5.62 7.87 -2.18
C LEU B 201 6.44 8.03 -0.90
N ASP B 202 5.97 7.39 0.18
CA ASP B 202 6.55 7.62 1.49
C ASP B 202 7.45 6.49 1.96
N ASP B 203 7.68 5.49 1.11
CA ASP B 203 8.49 4.33 1.48
C ASP B 203 9.05 3.66 0.22
N ILE B 204 10.37 3.77 0.03
CA ILE B 204 11.04 3.20 -1.14
C ILE B 204 10.83 1.70 -1.28
N ASN B 205 10.60 1.02 -0.15
CA ASN B 205 10.30 -0.41 -0.16
C ASN B 205 9.04 -0.77 -0.93
N ASN B 206 8.08 0.17 -1.01
CA ASN B 206 6.90 -0.04 -1.85
C ASN B 206 7.28 -0.22 -3.31
N LEU B 207 8.25 0.57 -3.78
CA LEU B 207 8.69 0.43 -5.16
C LEU B 207 9.43 -0.89 -5.35
N TYR B 208 10.35 -1.19 -4.43
CA TYR B 208 11.13 -2.42 -4.49
C TYR B 208 10.21 -3.65 -4.55
N GLU B 209 9.17 -3.65 -3.72
CA GLU B 209 8.20 -4.76 -3.67
C GLU B 209 7.41 -4.89 -4.97
N PHE B 210 7.03 -3.75 -5.54
CA PHE B 210 6.39 -3.74 -6.88
C PHE B 210 7.32 -4.33 -7.94
N ILE B 211 8.58 -3.93 -7.93
CA ILE B 211 9.55 -4.44 -8.89
C ILE B 211 9.72 -5.96 -8.74
N VAL B 212 9.90 -6.46 -7.52
CA VAL B 212 10.10 -7.90 -7.32
C VAL B 212 8.89 -8.72 -7.78
N LYS B 213 7.70 -8.18 -7.55
CA LYS B 213 6.47 -8.86 -8.00
C LYS B 213 6.29 -8.89 -9.52
N ILE B 214 6.91 -7.96 -10.25
CA ILE B 214 6.79 -7.96 -11.72
C ILE B 214 8.05 -8.33 -12.52
N LYS B 215 9.19 -8.41 -11.83
CA LYS B 215 10.45 -8.88 -12.42
C LYS B 215 10.18 -9.87 -13.55
ZN ZN C . -7.82 -1.18 7.42
C1 EDO D . 12.02 -4.52 -19.59
O1 EDO D . 11.80 -4.33 -18.19
C2 EDO D . 11.68 -5.96 -20.02
O2 EDO D . 10.62 -5.94 -20.98
C1 EDO E . 7.26 11.30 -25.90
O1 EDO E . 6.22 11.16 -24.92
C2 EDO E . 6.68 11.11 -27.30
O2 EDO E . 6.84 9.75 -27.69
C1 EDO F . 9.84 11.93 -11.74
O1 EDO F . 9.77 10.51 -11.65
C2 EDO F . 9.51 12.42 -13.15
O2 EDO F . 10.31 11.72 -14.13
C1 EDO G . 13.69 25.49 -0.62
O1 EDO G . 14.73 25.40 0.35
C2 EDO G . 13.21 26.94 -0.77
O2 EDO G . 11.82 27.02 -0.44
C1 EDO H . -4.93 -0.67 -2.10
O1 EDO H . -4.65 -1.77 -1.24
C2 EDO H . -3.75 0.30 -2.20
O2 EDO H . -3.01 0.05 -3.41
C1 EDO I . 1.00 -9.52 -9.97
O1 EDO I . 1.64 -8.43 -9.30
C2 EDO I . 1.92 -10.06 -11.06
O2 EDO I . 1.47 -9.65 -12.36
C1 EDO J . 3.51 -2.18 1.60
O1 EDO J . 2.40 -1.70 2.38
C2 EDO J . 3.16 -2.11 0.13
O2 EDO J . 2.79 -3.42 -0.33
ZN ZN K . 1.72 6.28 -7.37
C1 EDO L . 7.54 13.42 -18.36
O1 EDO L . 8.89 13.04 -18.02
C2 EDO L . 6.62 12.23 -18.13
O2 EDO L . 6.69 11.36 -19.26
#